data_1JJB
#
_entry.id   1JJB
#
_cell.length_a   111.200
_cell.length_b   111.200
_cell.length_c   137.119
_cell.angle_alpha   90.00
_cell.angle_beta   90.00
_cell.angle_gamma   120.00
#
_symmetry.space_group_name_H-M   'P 31 2 1'
#
loop_
_entity.id
_entity.type
_entity.pdbx_description
1 polymer ACETYLCHOLINESTERASE
2 non-polymer 2-acetamido-2-deoxy-beta-D-glucopyranose
3 non-polymer '1-DEOXY-1-THIO-HEPTAETHYLENE GLYCOL'
4 water water
#
_entity_poly.entity_id   1
_entity_poly.type   'polypeptide(L)'
_entity_poly.pdbx_seq_one_letter_code
;SELLVNTKSGKVMGTRVPVLSSHISAFLGIPFAEPPVGNMRFRRPEPKKPWSGVWNASTYPNNCQQYVDEQFPGFSGSEM
WNPNREMSEDCLYLNIWVPSPRPKSTTVMVWIYGGGFYSGSSTLDVYNGKYLAYTEEVVLVSLSYRVGAFGFLALHGSQE
APGNVGLLDQRMALQWVHDNIQFFGGDPKTVTIFGESAGGASVGMHILSPGSRDLFRRAILQSGSPNCPWASVSVAEGRR
RAVELGRNLNCNLNSDEELIHCLREKKPQELIDVEWNVLPFDSIFRFSFVPVIDGEFFPTSLESMLNSGNFKKTQILLGV
NKDEGSFFLLYGAPGFSKDSESKISREDFMSGVKLSVPHANDLGLDAVTLQYTDWMDDNNGIKNRDGLDDIVGDHNVICP
LMHFVNKYTKFGNGTYLYFFNHRASNLVWPEWMGVIHGYEIEFVFGLPLVKELNYTAEEEALSRRIMHYWATFAKTGNPN
EPHSQESKWPLFTTKEQKFIDLNTEPMKVHQRLRVQMCVFWNQFLPKLLNAT
;
_entity_poly.pdbx_strand_id   A
#
loop_
_chem_comp.id
_chem_comp.type
_chem_comp.name
_chem_comp.formula
NAG D-saccharide, beta linking 2-acetamido-2-deoxy-beta-D-glucopyranose 'C8 H15 N O6'
PE7 non-polymer '1-DEOXY-1-THIO-HEPTAETHYLENE GLYCOL' 'C14 H30 O7 S'
#
# COMPACT_ATOMS: atom_id res chain seq x y z
N SER A 1 -18.48 2.58 30.95
CA SER A 1 -18.15 1.29 30.29
C SER A 1 -16.88 1.38 29.46
N GLU A 2 -16.19 0.26 29.34
CA GLU A 2 -14.96 0.18 28.56
C GLU A 2 -15.24 0.28 27.06
N LEU A 3 -16.49 0.03 26.67
CA LEU A 3 -16.85 0.09 25.27
C LEU A 3 -17.47 1.43 24.88
N LEU A 4 -17.51 2.36 25.81
CA LEU A 4 -18.06 3.68 25.53
C LEU A 4 -16.93 4.72 25.60
N VAL A 5 -16.75 5.46 24.51
CA VAL A 5 -15.71 6.47 24.46
C VAL A 5 -16.25 7.81 23.96
N ASN A 6 -15.95 8.87 24.68
CA ASN A 6 -16.41 10.19 24.29
C ASN A 6 -15.30 10.92 23.55
N THR A 7 -15.49 11.12 22.25
CA THR A 7 -14.50 11.80 21.44
C THR A 7 -14.97 13.23 21.16
N LYS A 8 -14.09 14.03 20.58
CA LYS A 8 -14.39 15.41 20.23
C LYS A 8 -15.47 15.49 19.16
N SER A 9 -15.77 14.37 18.53
CA SER A 9 -16.80 14.33 17.49
C SER A 9 -18.11 13.79 18.05
N GLY A 10 -18.04 13.20 19.25
CA GLY A 10 -19.22 12.64 19.88
C GLY A 10 -18.91 11.32 20.55
N LYS A 11 -19.92 10.72 21.18
CA LYS A 11 -19.74 9.45 21.88
C LYS A 11 -19.80 8.27 20.92
N VAL A 12 -19.03 7.24 21.23
CA VAL A 12 -18.96 6.05 20.40
C VAL A 12 -19.10 4.81 21.27
N MET A 13 -19.83 3.81 20.76
CA MET A 13 -20.02 2.56 21.48
C MET A 13 -19.40 1.41 20.70
N GLY A 14 -18.40 0.77 21.30
CA GLY A 14 -17.74 -0.33 20.63
C GLY A 14 -18.36 -1.67 20.97
N THR A 15 -17.59 -2.72 20.71
CA THR A 15 -18.04 -4.09 20.97
C THR A 15 -16.87 -4.95 21.43
N ARG A 16 -17.14 -5.89 22.32
CA ARG A 16 -16.10 -6.78 22.80
C ARG A 16 -15.93 -7.91 21.79
N VAL A 17 -14.69 -8.22 21.44
CA VAL A 17 -14.45 -9.28 20.47
C VAL A 17 -13.44 -10.28 21.00
N PRO A 18 -13.66 -11.56 20.72
CA PRO A 18 -12.75 -12.62 21.17
C PRO A 18 -11.48 -12.63 20.33
N VAL A 19 -10.38 -13.07 20.92
CA VAL A 19 -9.11 -13.13 20.22
C VAL A 19 -8.13 -14.01 21.00
N LEU A 20 -7.73 -15.12 20.38
CA LEU A 20 -6.79 -16.06 20.98
C LEU A 20 -7.16 -16.44 22.42
N SER A 21 -8.41 -16.84 22.61
CA SER A 21 -8.93 -17.26 23.92
C SER A 21 -9.06 -16.12 24.94
N SER A 22 -9.04 -14.88 24.45
CA SER A 22 -9.18 -13.72 25.31
C SER A 22 -10.14 -12.73 24.64
N HIS A 23 -10.11 -11.47 25.06
CA HIS A 23 -11.00 -10.46 24.47
C HIS A 23 -10.35 -9.09 24.47
N ILE A 24 -10.83 -8.23 23.58
CA ILE A 24 -10.36 -6.85 23.50
C ILE A 24 -11.52 -6.02 22.97
N SER A 25 -11.35 -4.70 22.94
CA SER A 25 -12.41 -3.82 22.47
C SER A 25 -12.23 -3.46 21.00
N ALA A 26 -13.35 -3.32 20.30
CA ALA A 26 -13.30 -2.95 18.89
C ALA A 26 -14.30 -1.83 18.59
N PHE A 27 -13.80 -0.78 17.95
CA PHE A 27 -14.65 0.34 17.57
C PHE A 27 -14.59 0.39 16.07
N LEU A 28 -15.58 -0.23 15.44
CA LEU A 28 -15.65 -0.33 14.00
C LEU A 28 -16.58 0.68 13.36
N GLY A 29 -16.17 1.17 12.19
CA GLY A 29 -16.97 2.11 11.43
C GLY A 29 -17.16 3.50 12.00
N ILE A 30 -16.13 4.08 12.60
CA ILE A 30 -16.24 5.44 13.12
C ILE A 30 -16.02 6.39 11.95
N PRO A 31 -16.95 7.34 11.75
CA PRO A 31 -16.80 8.27 10.63
C PRO A 31 -15.80 9.38 10.96
N PHE A 32 -14.97 9.77 10.00
CA PHE A 32 -14.01 10.83 10.25
C PHE A 32 -14.17 11.95 9.21
N ALA A 33 -15.07 11.72 8.26
CA ALA A 33 -15.33 12.70 7.21
C ALA A 33 -16.81 12.68 6.83
N GLU A 34 -17.25 13.75 6.19
CA GLU A 34 -18.63 13.82 5.72
C GLU A 34 -18.67 12.92 4.48
N PRO A 35 -19.79 12.24 4.25
CA PRO A 35 -19.89 11.37 3.07
C PRO A 35 -19.58 12.19 1.83
N PRO A 36 -18.61 11.73 1.01
CA PRO A 36 -18.26 12.45 -0.21
C PRO A 36 -19.17 12.09 -1.38
N VAL A 37 -20.47 12.33 -1.19
CA VAL A 37 -21.46 12.00 -2.21
C VAL A 37 -22.04 13.22 -2.95
N GLY A 38 -22.82 12.93 -3.99
CA GLY A 38 -23.43 13.99 -4.77
C GLY A 38 -22.43 14.97 -5.32
N ASN A 39 -22.64 16.25 -5.03
CA ASN A 39 -21.75 17.29 -5.50
C ASN A 39 -20.39 17.23 -4.79
N MET A 40 -20.27 16.33 -3.82
CA MET A 40 -19.01 16.19 -3.07
C MET A 40 -18.04 15.22 -3.74
N ARG A 41 -18.53 14.43 -4.70
CA ARG A 41 -17.67 13.48 -5.40
C ARG A 41 -16.51 14.22 -6.06
N PHE A 42 -15.31 13.66 -5.92
CA PHE A 42 -14.07 14.22 -6.46
C PHE A 42 -13.53 15.36 -5.62
N ARG A 43 -14.33 15.89 -4.70
CA ARG A 43 -13.89 17.00 -3.86
C ARG A 43 -13.05 16.59 -2.67
N ARG A 44 -12.28 17.54 -2.15
CA ARG A 44 -11.44 17.31 -0.98
C ARG A 44 -12.37 16.89 0.16
N PRO A 45 -11.89 16.03 1.06
CA PRO A 45 -12.75 15.60 2.16
C PRO A 45 -13.12 16.76 3.09
N GLU A 46 -14.24 16.58 3.78
CA GLU A 46 -14.74 17.55 4.72
C GLU A 46 -14.85 16.86 6.06
N PRO A 47 -14.42 17.52 7.15
CA PRO A 47 -14.48 16.92 8.47
C PRO A 47 -15.90 16.56 8.89
N LYS A 48 -16.05 15.40 9.52
CA LYS A 48 -17.35 14.92 9.97
C LYS A 48 -17.96 15.87 11.00
N LYS A 49 -19.19 16.30 10.75
CA LYS A 49 -19.88 17.21 11.67
C LYS A 49 -20.17 16.42 12.94
N PRO A 50 -19.81 16.97 14.11
CA PRO A 50 -20.04 16.29 15.38
C PRO A 50 -21.50 15.84 15.53
N TRP A 51 -21.70 14.70 16.18
CA TRP A 51 -23.03 14.16 16.36
C TRP A 51 -23.41 14.06 17.83
N SER A 52 -24.72 14.13 18.11
CA SER A 52 -25.20 14.00 19.48
C SER A 52 -25.64 12.55 19.59
N GLY A 53 -25.76 12.04 20.82
CA GLY A 53 -26.15 10.66 20.99
C GLY A 53 -24.92 9.76 20.96
N VAL A 54 -25.14 8.46 20.80
CA VAL A 54 -24.04 7.51 20.76
C VAL A 54 -23.94 6.81 19.42
N TRP A 55 -22.76 6.89 18.79
CA TRP A 55 -22.57 6.25 17.51
C TRP A 55 -22.28 4.77 17.74
N ASN A 56 -23.04 3.92 17.08
CA ASN A 56 -22.85 2.47 17.23
C ASN A 56 -21.70 2.01 16.35
N ALA A 57 -20.57 1.68 16.98
CA ALA A 57 -19.38 1.24 16.26
C ALA A 57 -19.12 -0.23 16.54
N SER A 58 -20.12 -1.06 16.32
CA SER A 58 -20.01 -2.49 16.56
C SER A 58 -19.88 -3.28 15.27
N THR A 59 -20.10 -2.64 14.14
CA THR A 59 -20.02 -3.32 12.86
C THR A 59 -19.14 -2.61 11.84
N TYR A 60 -18.49 -3.38 10.99
CA TYR A 60 -17.63 -2.84 9.94
C TYR A 60 -18.44 -1.93 9.03
N PRO A 61 -17.79 -0.92 8.44
CA PRO A 61 -18.46 0.03 7.54
C PRO A 61 -18.46 -0.48 6.11
N ASN A 62 -19.09 0.27 5.21
CA ASN A 62 -19.11 -0.10 3.80
C ASN A 62 -17.71 0.12 3.22
N ASN A 63 -17.42 -0.53 2.10
CA ASN A 63 -16.13 -0.38 1.43
C ASN A 63 -16.38 0.65 0.33
N CYS A 64 -15.34 1.39 -0.05
CA CYS A 64 -15.48 2.39 -1.10
C CYS A 64 -15.74 1.72 -2.45
N GLN A 65 -16.38 2.45 -3.35
CA GLN A 65 -16.69 1.94 -4.67
C GLN A 65 -15.39 1.61 -5.39
N GLN A 66 -15.32 0.41 -5.95
CA GLN A 66 -14.09 -0.02 -6.64
C GLN A 66 -14.29 -1.18 -7.61
N TYR A 67 -13.28 -1.39 -8.44
CA TYR A 67 -13.25 -2.48 -9.40
C TYR A 67 -13.16 -3.75 -8.56
N VAL A 68 -13.92 -4.78 -8.93
CA VAL A 68 -13.88 -6.04 -8.19
C VAL A 68 -13.29 -7.13 -9.06
N ASP A 69 -12.23 -7.77 -8.57
CA ASP A 69 -11.57 -8.83 -9.33
C ASP A 69 -12.43 -10.09 -9.41
N GLU A 70 -12.77 -10.47 -10.64
CA GLU A 70 -13.59 -11.66 -10.90
C GLU A 70 -12.85 -12.71 -11.74
N GLN A 71 -11.55 -12.55 -11.88
CA GLN A 71 -10.76 -13.49 -12.66
C GLN A 71 -10.88 -14.94 -12.22
N PHE A 72 -11.00 -15.17 -10.91
CA PHE A 72 -11.09 -16.53 -10.38
C PHE A 72 -12.23 -16.66 -9.37
N PRO A 73 -13.48 -16.62 -9.87
CA PRO A 73 -14.67 -16.74 -9.02
C PRO A 73 -14.60 -17.88 -8.01
N GLY A 74 -14.69 -17.55 -6.72
CA GLY A 74 -14.65 -18.56 -5.69
C GLY A 74 -13.27 -18.86 -5.13
N PHE A 75 -12.24 -18.54 -5.89
CA PHE A 75 -10.87 -18.79 -5.46
C PHE A 75 -10.53 -17.85 -4.30
N SER A 76 -10.17 -18.43 -3.16
CA SER A 76 -9.85 -17.64 -1.97
C SER A 76 -8.61 -16.78 -2.19
N GLY A 77 -7.72 -17.24 -3.06
CA GLY A 77 -6.50 -16.50 -3.33
C GLY A 77 -6.73 -15.08 -3.80
N SER A 78 -7.75 -14.90 -4.64
CA SER A 78 -8.06 -13.57 -5.17
C SER A 78 -9.22 -12.88 -4.45
N GLU A 79 -10.20 -13.65 -4.00
CA GLU A 79 -11.35 -13.04 -3.32
C GLU A 79 -11.05 -12.50 -1.93
N MET A 80 -9.93 -12.94 -1.34
CA MET A 80 -9.56 -12.44 -0.02
C MET A 80 -9.18 -10.97 -0.10
N TRP A 81 -9.09 -10.45 -1.33
CA TRP A 81 -8.73 -9.05 -1.53
C TRP A 81 -9.93 -8.19 -1.94
N ASN A 82 -11.01 -8.82 -2.40
CA ASN A 82 -12.20 -8.09 -2.83
C ASN A 82 -12.93 -7.51 -1.63
N PRO A 83 -13.72 -6.45 -1.83
CA PRO A 83 -14.45 -5.89 -0.70
C PRO A 83 -15.38 -6.96 -0.12
N ASN A 84 -15.45 -7.04 1.21
CA ASN A 84 -16.29 -8.04 1.87
C ASN A 84 -17.50 -7.39 2.53
N ARG A 85 -17.77 -6.15 2.14
CA ARG A 85 -18.91 -5.39 2.65
C ARG A 85 -19.51 -4.73 1.42
N GLU A 86 -20.74 -4.26 1.53
CA GLU A 86 -21.37 -3.58 0.41
C GLU A 86 -20.52 -2.36 0.09
N MET A 87 -20.45 -2.00 -1.19
CA MET A 87 -19.68 -0.83 -1.58
C MET A 87 -20.58 0.39 -1.56
N SER A 88 -19.98 1.55 -1.35
CA SER A 88 -20.73 2.79 -1.31
C SER A 88 -19.78 3.97 -1.32
N GLU A 89 -20.24 5.10 -1.85
CA GLU A 89 -19.40 6.28 -1.85
C GLU A 89 -19.31 6.80 -0.42
N ASP A 90 -20.26 6.39 0.41
CA ASP A 90 -20.28 6.77 1.81
C ASP A 90 -19.40 5.70 2.45
N CYS A 91 -18.09 5.94 2.43
CA CYS A 91 -17.14 4.95 2.93
C CYS A 91 -15.98 5.50 3.75
N LEU A 92 -16.04 6.76 4.15
CA LEU A 92 -14.92 7.30 4.92
C LEU A 92 -15.07 7.02 6.41
N TYR A 93 -14.57 5.87 6.84
CA TYR A 93 -14.62 5.45 8.23
C TYR A 93 -13.32 4.81 8.66
N LEU A 94 -13.12 4.69 9.97
CA LEU A 94 -11.91 4.07 10.48
C LEU A 94 -12.28 3.08 11.57
N ASN A 95 -11.38 2.13 11.83
CA ASN A 95 -11.61 1.09 12.82
C ASN A 95 -10.49 1.11 13.86
N ILE A 96 -10.85 0.90 15.12
CA ILE A 96 -9.87 0.89 16.21
C ILE A 96 -9.95 -0.34 17.12
N TRP A 97 -8.83 -1.01 17.33
CA TRP A 97 -8.78 -2.17 18.21
C TRP A 97 -8.02 -1.75 19.45
N VAL A 98 -8.67 -1.85 20.60
CA VAL A 98 -8.06 -1.42 21.85
C VAL A 98 -7.85 -2.55 22.85
N PRO A 99 -6.62 -2.65 23.39
CA PRO A 99 -6.34 -3.70 24.37
C PRO A 99 -7.31 -3.56 25.54
N SER A 100 -7.52 -4.65 26.27
CA SER A 100 -8.40 -4.63 27.43
C SER A 100 -7.68 -5.24 28.63
N PRO A 101 -7.69 -4.54 29.77
CA PRO A 101 -8.32 -3.23 30.01
C PRO A 101 -7.72 -2.12 29.16
N ARG A 102 -8.52 -1.08 28.92
CA ARG A 102 -8.09 0.06 28.11
C ARG A 102 -6.79 0.68 28.60
N PRO A 103 -5.82 0.84 27.71
CA PRO A 103 -4.54 1.44 28.09
C PRO A 103 -4.72 2.92 28.39
N LYS A 104 -3.73 3.54 29.02
CA LYS A 104 -3.81 4.95 29.34
C LYS A 104 -3.16 5.80 28.25
N SER A 105 -2.02 5.36 27.75
CA SER A 105 -1.30 6.11 26.72
C SER A 105 -0.27 5.22 26.04
N THR A 106 -0.76 4.28 25.22
CA THR A 106 0.13 3.35 24.54
C THR A 106 0.37 3.63 23.04
N THR A 107 1.36 2.94 22.50
CA THR A 107 1.74 3.06 21.10
C THR A 107 0.57 2.82 20.16
N VAL A 108 0.49 3.64 19.11
CA VAL A 108 -0.56 3.57 18.12
C VAL A 108 0.00 3.21 16.75
N MET A 109 -0.69 2.34 16.02
CA MET A 109 -0.29 1.94 14.67
C MET A 109 -1.51 2.11 13.77
N VAL A 110 -1.34 2.89 12.70
CA VAL A 110 -2.42 3.15 11.76
C VAL A 110 -2.12 2.47 10.44
N TRP A 111 -3.02 1.58 10.02
CA TRP A 111 -2.85 0.83 8.78
C TRP A 111 -3.51 1.47 7.58
N ILE A 112 -2.76 1.55 6.48
CA ILE A 112 -3.26 2.13 5.23
C ILE A 112 -3.20 1.03 4.18
N TYR A 113 -4.37 0.56 3.76
CA TYR A 113 -4.44 -0.50 2.78
C TYR A 113 -3.93 -0.17 1.38
N GLY A 114 -3.47 -1.20 0.68
CA GLY A 114 -2.99 -1.03 -0.67
C GLY A 114 -4.07 -1.43 -1.65
N GLY A 115 -3.70 -1.59 -2.92
CA GLY A 115 -4.66 -1.95 -3.94
C GLY A 115 -4.49 -1.12 -5.20
N GLY A 116 -3.25 -0.67 -5.47
CA GLY A 116 -2.97 0.12 -6.65
C GLY A 116 -3.72 1.43 -6.78
N PHE A 117 -4.24 1.93 -5.65
CA PHE A 117 -5.01 3.18 -5.64
C PHE A 117 -6.33 3.02 -6.39
N TYR A 118 -6.63 1.81 -6.84
CA TYR A 118 -7.88 1.58 -7.57
C TYR A 118 -8.81 0.64 -6.82
N SER A 119 -8.32 0.10 -5.71
CA SER A 119 -9.10 -0.83 -4.91
C SER A 119 -8.57 -0.87 -3.49
N GLY A 120 -9.24 -1.67 -2.65
CA GLY A 120 -8.81 -1.81 -1.27
C GLY A 120 -9.92 -1.59 -0.26
N SER A 121 -9.82 -2.27 0.87
CA SER A 121 -10.81 -2.16 1.95
C SER A 121 -10.09 -2.32 3.28
N SER A 122 -10.58 -1.65 4.31
CA SER A 122 -9.95 -1.75 5.63
C SER A 122 -10.51 -2.94 6.39
N THR A 123 -11.59 -3.50 5.86
CA THR A 123 -12.30 -4.60 6.49
C THR A 123 -11.92 -6.03 6.11
N LEU A 124 -10.90 -6.19 5.28
CA LEU A 124 -10.48 -7.53 4.87
C LEU A 124 -10.05 -8.37 6.08
N ASP A 125 -10.25 -9.69 6.01
CA ASP A 125 -9.87 -10.56 7.11
C ASP A 125 -8.38 -10.48 7.42
N VAL A 126 -7.55 -10.37 6.39
CA VAL A 126 -6.10 -10.28 6.60
C VAL A 126 -5.68 -8.99 7.28
N TYR A 127 -6.60 -8.03 7.40
CA TYR A 127 -6.28 -6.76 8.06
C TYR A 127 -6.89 -6.68 9.45
N ASN A 128 -7.47 -7.78 9.94
CA ASN A 128 -8.07 -7.77 11.28
C ASN A 128 -6.99 -7.39 12.29
N GLY A 129 -7.16 -6.25 12.95
CA GLY A 129 -6.16 -5.79 13.90
C GLY A 129 -6.18 -6.32 15.32
N LYS A 130 -7.12 -7.19 15.64
CA LYS A 130 -7.20 -7.70 17.00
C LYS A 130 -6.00 -8.53 17.45
N TYR A 131 -5.46 -9.35 16.55
CA TYR A 131 -4.31 -10.20 16.90
C TYR A 131 -3.09 -9.36 17.27
N LEU A 132 -2.83 -8.33 16.48
CA LEU A 132 -1.69 -7.46 16.71
C LEU A 132 -1.97 -6.56 17.91
N ALA A 133 -3.17 -6.01 18.00
CA ALA A 133 -3.52 -5.14 19.11
C ALA A 133 -3.38 -5.91 20.42
N TYR A 134 -3.90 -7.13 20.44
CA TYR A 134 -3.86 -7.97 21.63
C TYR A 134 -2.47 -8.50 21.97
N THR A 135 -1.76 -9.02 20.98
CA THR A 135 -0.44 -9.58 21.22
C THR A 135 0.62 -8.57 21.62
N GLU A 136 0.66 -7.43 20.95
CA GLU A 136 1.67 -6.42 21.26
C GLU A 136 1.15 -5.28 22.14
N GLU A 137 -0.14 -5.32 22.47
CA GLU A 137 -0.74 -4.29 23.31
C GLU A 137 -0.59 -2.87 22.76
N VAL A 138 -0.96 -2.71 21.50
CA VAL A 138 -0.90 -1.40 20.87
C VAL A 138 -2.33 -1.09 20.43
N VAL A 139 -2.62 0.20 20.25
CA VAL A 139 -3.93 0.58 19.77
C VAL A 139 -3.77 0.53 18.25
N LEU A 140 -4.50 -0.37 17.59
CA LEU A 140 -4.39 -0.49 16.14
C LEU A 140 -5.56 0.14 15.39
N VAL A 141 -5.22 1.05 14.48
CA VAL A 141 -6.23 1.74 13.69
C VAL A 141 -6.08 1.42 12.21
N SER A 142 -7.20 1.22 11.53
CA SER A 142 -7.15 1.00 10.09
C SER A 142 -8.10 2.05 9.51
N LEU A 143 -7.57 2.88 8.61
CA LEU A 143 -8.37 3.92 7.99
C LEU A 143 -8.84 3.47 6.61
N SER A 144 -9.57 4.33 5.92
CA SER A 144 -10.04 4.03 4.59
C SER A 144 -9.91 5.30 3.76
N TYR A 145 -9.98 5.16 2.45
CA TYR A 145 -9.88 6.31 1.57
C TYR A 145 -10.43 5.99 0.19
N ARG A 146 -10.94 7.01 -0.48
CA ARG A 146 -11.50 6.82 -1.81
C ARG A 146 -10.42 6.37 -2.79
N VAL A 147 -10.77 5.42 -3.64
CA VAL A 147 -9.85 4.91 -4.65
C VAL A 147 -10.44 5.14 -6.03
N GLY A 148 -9.67 4.80 -7.06
CA GLY A 148 -10.14 4.98 -8.42
C GLY A 148 -10.39 6.44 -8.71
N ALA A 149 -11.22 6.71 -9.71
CA ALA A 149 -11.55 8.08 -10.10
C ALA A 149 -12.10 8.85 -8.89
N PHE A 150 -12.89 8.16 -8.09
CA PHE A 150 -13.51 8.76 -6.91
C PHE A 150 -12.50 9.43 -6.00
N GLY A 151 -11.30 8.86 -5.93
CA GLY A 151 -10.29 9.44 -5.05
C GLY A 151 -9.12 10.09 -5.76
N PHE A 152 -8.98 9.83 -7.06
CA PHE A 152 -7.84 10.41 -7.75
C PHE A 152 -8.04 11.05 -9.11
N LEU A 153 -9.29 11.29 -9.50
CA LEU A 153 -9.52 11.96 -10.78
C LEU A 153 -8.86 13.32 -10.60
N ALA A 154 -7.99 13.70 -11.53
CA ALA A 154 -7.29 14.98 -11.39
C ALA A 154 -7.41 15.98 -12.53
N LEU A 155 -8.07 17.10 -12.25
CA LEU A 155 -8.23 18.16 -13.23
C LEU A 155 -7.60 19.39 -12.61
N HIS A 156 -6.27 19.40 -12.57
CA HIS A 156 -5.50 20.48 -11.97
C HIS A 156 -5.97 21.84 -12.45
N GLY A 157 -6.22 22.73 -11.48
CA GLY A 157 -6.69 24.06 -11.81
C GLY A 157 -8.07 24.25 -11.23
N SER A 158 -8.87 23.18 -11.25
CA SER A 158 -10.22 23.26 -10.71
C SER A 158 -10.20 22.82 -9.26
N GLN A 159 -11.16 23.33 -8.49
CA GLN A 159 -11.24 22.99 -7.08
C GLN A 159 -12.35 21.96 -6.87
N GLU A 160 -12.99 21.57 -7.97
CA GLU A 160 -14.05 20.59 -7.94
C GLU A 160 -13.50 19.17 -8.08
N ALA A 161 -12.35 19.05 -8.73
CA ALA A 161 -11.68 17.76 -8.92
C ALA A 161 -10.19 18.04 -9.02
N PRO A 162 -9.58 18.49 -7.92
CA PRO A 162 -8.16 18.82 -7.83
C PRO A 162 -7.19 17.65 -7.90
N GLY A 163 -7.66 16.47 -7.54
CA GLY A 163 -6.80 15.30 -7.53
C GLY A 163 -6.27 15.07 -6.12
N ASN A 164 -5.70 13.90 -5.88
CA ASN A 164 -5.15 13.53 -4.58
C ASN A 164 -6.13 13.54 -3.41
N VAL A 165 -7.43 13.64 -3.67
CA VAL A 165 -8.37 13.69 -2.56
C VAL A 165 -8.35 12.41 -1.74
N GLY A 166 -7.96 11.31 -2.37
CA GLY A 166 -7.87 10.05 -1.66
C GLY A 166 -6.77 10.15 -0.62
N LEU A 167 -5.71 10.88 -0.95
CA LEU A 167 -4.59 11.07 -0.02
C LEU A 167 -5.03 11.98 1.12
N LEU A 168 -5.90 12.94 0.80
CA LEU A 168 -6.43 13.86 1.79
C LEU A 168 -7.40 13.13 2.73
N ASP A 169 -8.06 12.08 2.23
CA ASP A 169 -8.95 11.28 3.06
C ASP A 169 -8.06 10.64 4.14
N GLN A 170 -6.94 10.09 3.71
CA GLN A 170 -5.98 9.45 4.62
C GLN A 170 -5.50 10.43 5.67
N ARG A 171 -5.15 11.63 5.22
CA ARG A 171 -4.67 12.66 6.13
C ARG A 171 -5.73 13.03 7.17
N MET A 172 -6.98 13.20 6.74
CA MET A 172 -8.03 13.56 7.67
C MET A 172 -8.22 12.47 8.73
N ALA A 173 -8.02 11.22 8.34
CA ALA A 173 -8.15 10.11 9.29
C ALA A 173 -6.99 10.23 10.27
N LEU A 174 -5.82 10.62 9.77
CA LEU A 174 -4.65 10.78 10.61
C LEU A 174 -4.85 11.97 11.55
N GLN A 175 -5.57 12.99 11.06
CA GLN A 175 -5.85 14.17 11.87
C GLN A 175 -6.79 13.77 12.99
N TRP A 176 -7.76 12.92 12.67
CA TRP A 176 -8.73 12.46 13.66
C TRP A 176 -8.03 11.64 14.75
N VAL A 177 -7.11 10.76 14.34
CA VAL A 177 -6.36 9.94 15.29
C VAL A 177 -5.54 10.86 16.18
N HIS A 178 -4.87 11.84 15.57
CA HIS A 178 -4.08 12.79 16.32
C HIS A 178 -4.93 13.47 17.39
N ASP A 179 -6.12 13.93 17.00
CA ASP A 179 -7.00 14.63 17.92
C ASP A 179 -7.85 13.79 18.88
N ASN A 180 -8.11 12.52 18.56
CA ASN A 180 -8.97 11.71 19.41
C ASN A 180 -8.45 10.41 19.96
N ILE A 181 -7.33 9.91 19.45
CA ILE A 181 -6.84 8.62 19.92
C ILE A 181 -6.54 8.58 21.41
N GLN A 182 -6.30 9.74 22.02
CA GLN A 182 -6.00 9.80 23.44
C GLN A 182 -7.17 9.25 24.28
N PHE A 183 -8.40 9.45 23.79
CA PHE A 183 -9.58 8.99 24.53
C PHE A 183 -9.75 7.47 24.46
N PHE A 184 -9.01 6.83 23.56
CA PHE A 184 -9.08 5.39 23.42
C PHE A 184 -7.89 4.76 24.10
N GLY A 185 -7.09 5.58 24.78
CA GLY A 185 -5.92 5.07 25.47
C GLY A 185 -4.65 5.11 24.63
N GLY A 186 -4.76 5.70 23.44
CA GLY A 186 -3.63 5.79 22.56
C GLY A 186 -2.87 7.07 22.76
N ASP A 187 -1.57 7.05 22.51
CA ASP A 187 -0.71 8.22 22.64
C ASP A 187 -0.52 8.85 21.27
N PRO A 188 -1.09 10.05 21.06
CA PRO A 188 -1.00 10.76 19.79
C PRO A 188 0.41 11.18 19.35
N LYS A 189 1.36 11.17 20.27
CA LYS A 189 2.71 11.56 19.92
C LYS A 189 3.57 10.35 19.56
N THR A 190 2.96 9.18 19.56
CA THR A 190 3.68 7.96 19.22
C THR A 190 2.85 7.15 18.23
N VAL A 191 2.53 7.77 17.11
CA VAL A 191 1.76 7.12 16.06
C VAL A 191 2.65 6.67 14.92
N THR A 192 2.52 5.40 14.55
CA THR A 192 3.29 4.85 13.45
C THR A 192 2.30 4.54 12.33
N ILE A 193 2.54 5.08 11.14
CA ILE A 193 1.66 4.75 10.05
C ILE A 193 2.35 3.68 9.21
N PHE A 194 1.62 2.64 8.85
CA PHE A 194 2.19 1.59 8.03
C PHE A 194 1.19 1.13 6.98
N GLY A 195 1.71 0.65 5.86
CA GLY A 195 0.85 0.21 4.78
C GLY A 195 1.63 -0.62 3.77
N GLU A 196 0.91 -1.34 2.93
CA GLU A 196 1.54 -2.20 1.94
C GLU A 196 1.15 -1.79 0.52
N SER A 197 2.10 -1.91 -0.39
CA SER A 197 1.89 -1.58 -1.79
C SER A 197 1.46 -0.10 -1.91
N ALA A 198 0.31 0.17 -2.51
CA ALA A 198 -0.15 1.57 -2.62
C ALA A 198 -0.22 2.20 -1.23
N GLY A 199 -0.43 1.35 -0.21
CA GLY A 199 -0.49 1.85 1.15
C GLY A 199 0.91 2.22 1.59
N GLY A 200 1.91 1.51 1.08
CA GLY A 200 3.28 1.81 1.42
C GLY A 200 3.70 3.07 0.69
N ALA A 201 3.26 3.21 -0.55
CA ALA A 201 3.57 4.40 -1.33
C ALA A 201 2.94 5.58 -0.59
N SER A 202 1.70 5.39 -0.12
CA SER A 202 0.98 6.43 0.61
C SER A 202 1.77 6.87 1.84
N VAL A 203 2.27 5.92 2.62
CA VAL A 203 3.05 6.25 3.80
C VAL A 203 4.21 7.15 3.38
N GLY A 204 4.93 6.77 2.33
CA GLY A 204 6.05 7.58 1.86
C GLY A 204 5.61 8.96 1.40
N MET A 205 4.40 9.05 0.86
CA MET A 205 3.89 10.33 0.39
C MET A 205 3.54 11.27 1.55
N HIS A 206 3.14 10.70 2.68
CA HIS A 206 2.81 11.51 3.83
C HIS A 206 4.13 11.97 4.46
N ILE A 207 5.18 11.18 4.25
CA ILE A 207 6.50 11.55 4.77
C ILE A 207 7.00 12.75 3.99
N LEU A 208 6.68 12.81 2.70
CA LEU A 208 7.11 13.91 1.84
C LEU A 208 6.24 15.16 1.96
N SER A 209 4.93 14.98 1.91
CA SER A 209 4.00 16.10 1.97
C SER A 209 4.04 16.90 3.29
N PRO A 210 4.41 18.18 3.21
CA PRO A 210 4.50 19.09 4.36
C PRO A 210 3.24 19.10 5.21
N GLY A 211 2.09 19.01 4.54
CA GLY A 211 0.82 19.04 5.24
C GLY A 211 0.48 17.77 6.01
N SER A 212 1.27 16.72 5.84
CA SER A 212 1.02 15.44 6.52
C SER A 212 2.05 15.10 7.59
N ARG A 213 3.29 15.52 7.38
CA ARG A 213 4.41 15.23 8.28
C ARG A 213 4.13 15.29 9.78
N ASP A 214 3.48 16.36 10.24
CA ASP A 214 3.22 16.53 11.65
C ASP A 214 2.21 15.58 12.27
N LEU A 215 1.49 14.83 11.45
CA LEU A 215 0.46 13.94 11.98
C LEU A 215 0.88 12.55 12.43
N PHE A 216 2.17 12.22 12.36
CA PHE A 216 2.61 10.91 12.81
C PHE A 216 4.06 10.98 13.26
N ARG A 217 4.48 9.95 14.00
CA ARG A 217 5.82 9.87 14.56
C ARG A 217 6.81 9.11 13.68
N ARG A 218 6.47 7.87 13.34
CA ARG A 218 7.32 6.99 12.54
C ARG A 218 6.52 6.33 11.43
N ALA A 219 7.23 5.66 10.52
CA ALA A 219 6.57 5.02 9.39
C ALA A 219 7.16 3.67 8.98
N ILE A 220 6.29 2.81 8.47
CA ILE A 220 6.66 1.48 7.99
C ILE A 220 6.12 1.36 6.56
N LEU A 221 6.97 0.96 5.63
CA LEU A 221 6.56 0.81 4.23
C LEU A 221 6.78 -0.62 3.76
N GLN A 222 5.70 -1.27 3.33
CA GLN A 222 5.78 -2.65 2.86
C GLN A 222 5.50 -2.76 1.37
N SER A 223 6.49 -3.22 0.62
CA SER A 223 6.37 -3.41 -0.83
C SER A 223 5.83 -2.18 -1.55
N GLY A 224 6.37 -1.02 -1.23
CA GLY A 224 5.91 0.19 -1.89
C GLY A 224 6.64 1.43 -1.40
N SER A 225 6.78 2.41 -2.28
CA SER A 225 7.44 3.66 -1.94
C SER A 225 6.79 4.74 -2.81
N PRO A 226 6.83 5.99 -2.35
CA PRO A 226 6.23 7.11 -3.09
C PRO A 226 6.70 7.31 -4.53
N ASN A 227 7.94 6.96 -4.81
CA ASN A 227 8.52 7.12 -6.14
C ASN A 227 8.29 5.97 -7.11
N CYS A 228 7.44 5.02 -6.76
CA CYS A 228 7.15 3.91 -7.67
C CYS A 228 6.59 4.48 -8.98
N PRO A 229 7.00 3.90 -10.13
CA PRO A 229 6.55 4.35 -11.44
C PRO A 229 5.03 4.35 -11.66
N TRP A 230 4.33 3.53 -10.88
CA TRP A 230 2.87 3.42 -10.98
C TRP A 230 2.13 4.25 -9.94
N ALA A 231 2.86 4.78 -8.96
CA ALA A 231 2.25 5.54 -7.86
C ALA A 231 1.85 6.99 -8.10
N SER A 232 2.26 7.59 -9.21
CA SER A 232 1.87 8.97 -9.49
C SER A 232 1.99 9.34 -10.96
N VAL A 233 1.37 10.45 -11.35
CA VAL A 233 1.41 10.94 -12.71
C VAL A 233 1.51 12.47 -12.67
N SER A 234 1.85 13.07 -13.81
CA SER A 234 1.95 14.52 -13.90
C SER A 234 0.54 15.08 -14.00
N VAL A 235 0.37 16.38 -13.80
CA VAL A 235 -0.95 16.98 -13.89
C VAL A 235 -1.50 16.91 -15.31
N ALA A 236 -0.59 16.90 -16.29
CA ALA A 236 -0.99 16.82 -17.69
C ALA A 236 -1.55 15.43 -18.00
N GLU A 237 -0.88 14.38 -17.52
CA GLU A 237 -1.34 13.02 -17.75
C GLU A 237 -2.64 12.79 -16.99
N GLY A 238 -2.72 13.34 -15.78
CA GLY A 238 -3.91 13.20 -14.97
C GLY A 238 -5.11 13.82 -15.66
N ARG A 239 -4.89 14.99 -16.24
CA ARG A 239 -5.92 15.71 -16.96
C ARG A 239 -6.32 14.95 -18.23
N ARG A 240 -5.33 14.43 -18.95
CA ARG A 240 -5.60 13.67 -20.16
C ARG A 240 -6.49 12.46 -19.85
N ARG A 241 -6.18 11.74 -18.78
CA ARG A 241 -6.96 10.56 -18.41
C ARG A 241 -8.38 10.90 -17.97
N ALA A 242 -8.54 12.01 -17.25
CA ALA A 242 -9.86 12.42 -16.79
C ALA A 242 -10.74 12.76 -17.99
N VAL A 243 -10.17 13.45 -18.97
CA VAL A 243 -10.90 13.81 -20.18
C VAL A 243 -11.23 12.54 -20.96
N GLU A 244 -10.29 11.61 -21.01
CA GLU A 244 -10.50 10.35 -21.72
C GLU A 244 -11.60 9.57 -21.03
N LEU A 245 -11.70 9.71 -19.70
CA LEU A 245 -12.75 9.01 -18.96
C LEU A 245 -14.08 9.59 -19.40
N GLY A 246 -14.15 10.91 -19.45
CA GLY A 246 -15.37 11.58 -19.87
C GLY A 246 -15.73 11.17 -21.29
N ARG A 247 -14.72 11.03 -22.13
CA ARG A 247 -14.94 10.65 -23.52
C ARG A 247 -15.54 9.23 -23.61
N ASN A 248 -15.18 8.37 -22.67
CA ASN A 248 -15.70 7.00 -22.63
C ASN A 248 -17.16 6.95 -22.16
N LEU A 249 -17.62 8.03 -21.54
CA LEU A 249 -18.98 8.10 -21.03
C LEU A 249 -19.85 9.13 -21.74
N ASN A 250 -19.41 9.52 -22.93
CA ASN A 250 -20.13 10.47 -23.77
C ASN A 250 -20.36 11.80 -23.07
N CYS A 251 -19.36 12.28 -22.35
CA CYS A 251 -19.49 13.53 -21.62
C CYS A 251 -19.16 14.74 -22.47
N ASN A 252 -19.68 15.89 -22.06
CA ASN A 252 -19.41 17.15 -22.75
C ASN A 252 -17.99 17.50 -22.30
N LEU A 253 -17.07 17.65 -23.24
CA LEU A 253 -15.68 17.94 -22.90
C LEU A 253 -15.26 19.38 -23.15
N ASN A 254 -16.23 20.28 -23.27
CA ASN A 254 -15.94 21.70 -23.51
C ASN A 254 -15.19 22.38 -22.38
N SER A 255 -15.44 21.97 -21.14
CA SER A 255 -14.78 22.57 -19.99
C SER A 255 -14.75 21.63 -18.81
N ASP A 256 -13.85 21.90 -17.86
CA ASP A 256 -13.75 21.08 -16.67
C ASP A 256 -15.11 21.05 -15.99
N GLU A 257 -15.80 22.19 -15.99
CA GLU A 257 -17.12 22.29 -15.38
C GLU A 257 -18.08 21.29 -16.02
N GLU A 258 -18.09 21.26 -17.35
CA GLU A 258 -18.95 20.34 -18.10
C GLU A 258 -18.58 18.89 -17.82
N LEU A 259 -17.28 18.59 -17.94
CA LEU A 259 -16.76 17.24 -17.70
C LEU A 259 -17.09 16.75 -16.30
N ILE A 260 -16.71 17.54 -15.29
CA ILE A 260 -16.94 17.19 -13.90
C ILE A 260 -18.42 16.99 -13.61
N HIS A 261 -19.26 17.90 -14.11
CA HIS A 261 -20.69 17.80 -13.86
C HIS A 261 -21.25 16.51 -14.42
N CYS A 262 -20.75 16.11 -15.57
CA CYS A 262 -21.20 14.88 -16.23
C CYS A 262 -20.77 13.66 -15.42
N LEU A 263 -19.50 13.64 -15.01
CA LEU A 263 -18.98 12.51 -14.23
C LEU A 263 -19.72 12.36 -12.91
N ARG A 264 -20.27 13.47 -12.41
CA ARG A 264 -21.00 13.43 -11.14
C ARG A 264 -22.40 12.85 -11.26
N GLU A 265 -22.97 12.87 -12.45
CA GLU A 265 -24.31 12.32 -12.64
C GLU A 265 -24.25 10.82 -12.92
N LYS A 266 -23.05 10.32 -13.23
CA LYS A 266 -22.87 8.90 -13.51
C LYS A 266 -22.92 8.09 -12.23
N LYS A 267 -23.41 6.86 -12.34
CA LYS A 267 -23.46 5.97 -11.18
C LYS A 267 -22.04 5.45 -11.00
N PRO A 268 -21.67 5.09 -9.75
CA PRO A 268 -20.33 4.59 -9.49
C PRO A 268 -19.84 3.54 -10.48
N GLN A 269 -20.65 2.49 -10.68
CA GLN A 269 -20.28 1.42 -11.58
C GLN A 269 -20.05 1.82 -13.04
N GLU A 270 -20.61 2.95 -13.46
CA GLU A 270 -20.42 3.41 -14.84
C GLU A 270 -18.99 3.91 -15.03
N LEU A 271 -18.45 4.56 -14.00
CA LEU A 271 -17.09 5.05 -14.04
C LEU A 271 -16.13 3.86 -13.98
N ILE A 272 -16.45 2.91 -13.10
CA ILE A 272 -15.61 1.73 -12.93
C ILE A 272 -15.57 0.84 -14.17
N ASP A 273 -16.68 0.75 -14.91
CA ASP A 273 -16.72 -0.08 -16.11
C ASP A 273 -15.76 0.34 -17.23
N VAL A 274 -15.35 1.61 -17.24
CA VAL A 274 -14.46 2.12 -18.28
C VAL A 274 -13.15 2.65 -17.73
N GLU A 275 -12.96 2.48 -16.43
CA GLU A 275 -11.76 2.95 -15.74
C GLU A 275 -10.43 2.56 -16.41
N TRP A 276 -10.32 1.32 -16.84
CA TRP A 276 -9.09 0.84 -17.45
C TRP A 276 -8.87 1.26 -18.90
N ASN A 277 -9.86 1.91 -19.51
CA ASN A 277 -9.71 2.32 -20.90
C ASN A 277 -8.87 3.57 -21.09
N VAL A 278 -8.58 4.30 -20.01
CA VAL A 278 -7.81 5.54 -20.12
C VAL A 278 -6.29 5.40 -20.04
N LEU A 279 -5.80 4.19 -19.77
CA LEU A 279 -4.36 3.99 -19.69
C LEU A 279 -3.71 4.33 -21.04
N PRO A 280 -2.57 5.04 -21.00
CA PRO A 280 -1.90 5.42 -22.25
C PRO A 280 -1.18 4.28 -22.99
N PHE A 281 -0.75 3.26 -22.27
CA PHE A 281 -0.04 2.15 -22.91
C PHE A 281 -0.63 0.77 -22.61
N ASP A 282 -0.18 -0.20 -23.37
CA ASP A 282 -0.55 -1.60 -23.18
C ASP A 282 0.44 -1.95 -22.09
N SER A 283 -0.05 -2.17 -20.88
CA SER A 283 0.86 -2.43 -19.78
C SER A 283 0.33 -3.27 -18.65
N ILE A 284 1.21 -3.50 -17.68
CA ILE A 284 0.88 -4.21 -16.45
C ILE A 284 1.50 -3.38 -15.34
N PHE A 285 0.93 -3.47 -14.15
CA PHE A 285 1.40 -2.71 -13.00
C PHE A 285 1.28 -1.20 -13.25
N ARG A 286 0.19 -0.82 -13.91
CA ARG A 286 -0.11 0.59 -14.19
C ARG A 286 -1.59 0.75 -13.91
N PHE A 287 -1.94 1.79 -13.16
CA PHE A 287 -3.32 2.02 -12.78
C PHE A 287 -3.77 3.40 -13.22
N SER A 288 -5.04 3.49 -13.59
CA SER A 288 -5.62 4.73 -14.11
C SER A 288 -5.60 5.98 -13.25
N PHE A 289 -6.21 5.92 -12.08
CA PHE A 289 -6.27 7.09 -11.22
C PHE A 289 -5.42 6.99 -9.98
N VAL A 290 -4.32 7.74 -10.00
CA VAL A 290 -3.35 7.75 -8.93
C VAL A 290 -2.96 9.17 -8.56
N PRO A 291 -2.18 9.34 -7.48
CA PRO A 291 -1.75 10.68 -7.05
C PRO A 291 -1.06 11.46 -8.15
N VAL A 292 -1.25 12.79 -8.15
CA VAL A 292 -0.63 13.66 -9.14
C VAL A 292 0.35 14.62 -8.48
N ILE A 293 1.45 14.90 -9.16
CA ILE A 293 2.45 15.83 -8.65
C ILE A 293 1.80 17.19 -8.97
N ASP A 294 1.07 17.71 -7.99
CA ASP A 294 0.32 18.96 -8.13
C ASP A 294 0.98 20.25 -7.72
N GLY A 295 2.06 20.18 -6.94
CA GLY A 295 2.70 21.41 -6.51
C GLY A 295 2.04 21.94 -5.24
N GLU A 296 1.21 21.09 -4.63
CA GLU A 296 0.51 21.44 -3.40
C GLU A 296 0.76 20.34 -2.39
N PHE A 297 0.10 19.20 -2.57
CA PHE A 297 0.30 18.06 -1.68
C PHE A 297 1.79 17.72 -1.78
N PHE A 298 2.31 17.78 -3.00
CA PHE A 298 3.71 17.54 -3.28
C PHE A 298 4.19 18.89 -3.83
N PRO A 299 5.01 19.63 -3.07
CA PRO A 299 5.49 20.94 -3.54
C PRO A 299 6.27 20.92 -4.86
N THR A 300 7.11 19.91 -5.05
CA THR A 300 7.89 19.76 -6.28
C THR A 300 8.00 18.29 -6.62
N SER A 301 8.74 17.96 -7.67
CA SER A 301 8.90 16.57 -8.08
C SER A 301 9.40 15.76 -6.88
N LEU A 302 9.04 14.48 -6.84
CA LEU A 302 9.44 13.62 -5.73
C LEU A 302 10.96 13.48 -5.66
N GLU A 303 11.60 13.41 -6.82
CA GLU A 303 13.04 13.26 -6.91
C GLU A 303 13.78 14.45 -6.30
N SER A 304 13.38 15.67 -6.66
CA SER A 304 14.03 16.86 -6.13
C SER A 304 13.76 16.99 -4.63
N MET A 305 12.61 16.49 -4.19
CA MET A 305 12.27 16.52 -2.77
C MET A 305 13.20 15.56 -2.03
N LEU A 306 13.41 14.39 -2.60
CA LEU A 306 14.27 13.39 -1.99
C LEU A 306 15.73 13.85 -1.97
N ASN A 307 16.16 14.57 -3.01
CA ASN A 307 17.54 15.04 -3.07
C ASN A 307 17.86 16.18 -2.12
N SER A 308 16.90 17.09 -1.92
CA SER A 308 17.11 18.23 -1.04
C SER A 308 16.80 17.91 0.41
N GLY A 309 16.28 16.71 0.68
CA GLY A 309 15.94 16.37 2.05
C GLY A 309 14.64 17.04 2.49
N ASN A 310 13.79 17.36 1.51
CA ASN A 310 12.53 18.01 1.79
C ASN A 310 11.51 16.94 2.21
N PHE A 311 11.61 16.51 3.47
CA PHE A 311 10.70 15.49 3.99
C PHE A 311 10.87 15.27 5.48
N LYS A 312 9.89 14.62 6.10
CA LYS A 312 9.94 14.36 7.52
C LYS A 312 11.12 13.47 7.85
N LYS A 313 11.84 13.83 8.90
CA LYS A 313 13.01 13.07 9.30
C LYS A 313 12.69 12.35 10.61
N THR A 314 12.71 11.02 10.53
CA THR A 314 12.41 10.18 11.66
C THR A 314 12.96 8.79 11.34
N GLN A 315 12.47 7.77 12.03
CA GLN A 315 12.95 6.41 11.77
C GLN A 315 11.96 5.75 10.82
N ILE A 316 12.43 4.80 10.01
CA ILE A 316 11.55 4.09 9.10
C ILE A 316 11.94 2.63 9.01
N LEU A 317 10.95 1.77 8.85
CA LEU A 317 11.17 0.34 8.71
C LEU A 317 10.42 -0.03 7.43
N LEU A 318 11.13 -0.63 6.47
CA LEU A 318 10.51 -0.98 5.21
C LEU A 318 11.19 -2.17 4.56
N GLY A 319 10.54 -2.75 3.55
CA GLY A 319 11.10 -3.90 2.87
C GLY A 319 10.25 -4.39 1.73
N VAL A 320 10.67 -5.51 1.13
CA VAL A 320 9.97 -6.08 0.01
C VAL A 320 9.91 -7.59 0.09
N ASN A 321 9.10 -8.20 -0.77
CA ASN A 321 8.99 -9.65 -0.82
C ASN A 321 9.84 -10.13 -2.01
N LYS A 322 10.15 -11.42 -2.02
CA LYS A 322 10.98 -11.99 -3.07
C LYS A 322 10.40 -11.95 -4.49
N ASP A 323 9.10 -12.21 -4.63
CA ASP A 323 8.50 -12.23 -5.96
C ASP A 323 7.32 -11.27 -6.14
N GLU A 324 7.60 -9.98 -6.01
CA GLU A 324 6.60 -8.94 -6.15
C GLU A 324 5.87 -8.95 -7.48
N GLY A 325 6.58 -9.30 -8.55
CA GLY A 325 5.98 -9.29 -9.88
C GLY A 325 5.03 -10.38 -10.35
N SER A 326 5.10 -11.58 -9.77
CA SER A 326 4.26 -12.68 -10.23
C SER A 326 2.76 -12.43 -10.38
N PHE A 327 2.13 -11.73 -9.44
CA PHE A 327 0.70 -11.45 -9.50
C PHE A 327 0.31 -10.75 -10.80
N PHE A 328 1.09 -9.73 -11.16
CA PHE A 328 0.81 -8.92 -12.33
C PHE A 328 1.08 -9.60 -13.67
N LEU A 329 1.93 -10.62 -13.66
CA LEU A 329 2.22 -11.36 -14.89
C LEU A 329 1.11 -12.38 -15.08
N LEU A 330 0.66 -12.98 -13.97
CA LEU A 330 -0.42 -13.95 -14.03
C LEU A 330 -1.65 -13.32 -14.63
N TYR A 331 -1.99 -12.12 -14.14
CA TYR A 331 -3.16 -11.40 -14.60
C TYR A 331 -3.08 -10.72 -15.95
N GLY A 332 -1.89 -10.37 -16.42
CA GLY A 332 -1.83 -9.65 -17.69
C GLY A 332 -0.77 -9.96 -18.73
N ALA A 333 0.12 -10.91 -18.47
CA ALA A 333 1.15 -11.23 -19.46
C ALA A 333 0.83 -12.57 -20.13
N PRO A 334 0.95 -12.62 -21.46
CA PRO A 334 0.66 -13.86 -22.19
C PRO A 334 1.59 -14.99 -21.80
N GLY A 335 1.04 -16.19 -21.61
CA GLY A 335 1.86 -17.33 -21.26
C GLY A 335 1.75 -17.75 -19.81
N PHE A 336 1.35 -16.81 -18.94
CA PHE A 336 1.21 -17.13 -17.52
C PHE A 336 -0.22 -17.55 -17.21
N SER A 337 -0.37 -18.63 -16.45
CA SER A 337 -1.69 -19.14 -16.06
C SER A 337 -1.65 -19.61 -14.62
N LYS A 338 -2.81 -19.60 -13.96
CA LYS A 338 -2.86 -20.02 -12.57
C LYS A 338 -2.58 -21.50 -12.36
N ASP A 339 -3.04 -22.34 -13.28
CA ASP A 339 -2.88 -23.78 -13.12
C ASP A 339 -1.77 -24.49 -13.91
N SER A 340 -0.80 -23.74 -14.43
CA SER A 340 0.30 -24.36 -15.15
C SER A 340 1.59 -23.82 -14.54
N GLU A 341 2.72 -24.44 -14.89
CA GLU A 341 4.01 -24.00 -14.37
C GLU A 341 4.44 -22.70 -15.04
N SER A 342 3.68 -22.31 -16.06
CA SER A 342 3.93 -21.09 -16.80
C SER A 342 5.35 -20.92 -17.33
N LYS A 343 5.86 -21.96 -17.99
CA LYS A 343 7.19 -21.88 -18.59
C LYS A 343 6.98 -20.94 -19.77
N ILE A 344 7.75 -19.86 -19.81
CA ILE A 344 7.59 -18.88 -20.86
C ILE A 344 8.53 -19.03 -22.05
N SER A 345 7.94 -19.01 -23.24
CA SER A 345 8.70 -19.11 -24.48
C SER A 345 9.46 -17.81 -24.67
N ARG A 346 10.25 -17.75 -25.73
CA ARG A 346 11.04 -16.56 -26.00
C ARG A 346 10.12 -15.43 -26.47
N GLU A 347 9.12 -15.78 -27.26
CA GLU A 347 8.18 -14.78 -27.78
C GLU A 347 7.35 -14.14 -26.67
N ASP A 348 6.87 -14.94 -25.73
CA ASP A 348 6.08 -14.41 -24.64
C ASP A 348 6.95 -13.60 -23.69
N PHE A 349 8.21 -13.98 -23.59
CA PHE A 349 9.13 -13.26 -22.72
C PHE A 349 9.21 -11.82 -23.21
N MET A 350 9.50 -11.67 -24.50
CA MET A 350 9.61 -10.35 -25.09
C MET A 350 8.30 -9.59 -25.03
N SER A 351 7.18 -10.29 -25.15
CA SER A 351 5.89 -9.63 -25.05
C SER A 351 5.77 -9.10 -23.63
N GLY A 352 6.24 -9.90 -22.68
CA GLY A 352 6.19 -9.53 -21.28
C GLY A 352 7.03 -8.30 -20.94
N VAL A 353 8.23 -8.21 -21.51
CA VAL A 353 9.08 -7.06 -21.23
C VAL A 353 8.48 -5.76 -21.78
N LYS A 354 7.87 -5.82 -22.95
CA LYS A 354 7.27 -4.62 -23.54
C LYS A 354 6.12 -4.13 -22.64
N LEU A 355 5.39 -5.09 -22.09
CA LEU A 355 4.27 -4.82 -21.20
C LEU A 355 4.74 -4.28 -19.84
N SER A 356 5.89 -4.79 -19.38
CA SER A 356 6.46 -4.40 -18.08
C SER A 356 7.12 -3.03 -18.07
N VAL A 357 7.65 -2.61 -19.20
CA VAL A 357 8.31 -1.31 -19.30
C VAL A 357 7.67 -0.59 -20.49
N PRO A 358 6.37 -0.31 -20.38
CA PRO A 358 5.54 0.36 -21.39
C PRO A 358 6.02 1.71 -21.88
N HIS A 359 6.83 2.39 -21.08
CA HIS A 359 7.34 3.71 -21.44
C HIS A 359 8.69 3.69 -22.15
N ALA A 360 9.20 2.50 -22.44
CA ALA A 360 10.50 2.38 -23.09
C ALA A 360 10.44 2.19 -24.61
N ASN A 361 11.43 2.75 -25.30
CA ASN A 361 11.53 2.61 -26.73
C ASN A 361 12.19 1.25 -26.98
N ASP A 362 12.45 0.94 -28.25
CA ASP A 362 13.06 -0.34 -28.59
C ASP A 362 14.45 -0.54 -27.99
N LEU A 363 15.25 0.51 -27.95
CA LEU A 363 16.59 0.39 -27.38
C LEU A 363 16.48 0.04 -25.90
N GLY A 364 15.53 0.68 -25.22
CA GLY A 364 15.33 0.44 -23.80
C GLY A 364 14.86 -0.98 -23.54
N LEU A 365 13.98 -1.48 -24.40
CA LEU A 365 13.47 -2.83 -24.28
C LEU A 365 14.61 -3.83 -24.47
N ASP A 366 15.52 -3.54 -25.38
CA ASP A 366 16.67 -4.42 -25.61
C ASP A 366 17.56 -4.41 -24.37
N ALA A 367 17.78 -3.23 -23.81
CA ALA A 367 18.61 -3.09 -22.62
C ALA A 367 18.08 -3.99 -21.51
N VAL A 368 16.77 -3.96 -21.30
CA VAL A 368 16.14 -4.78 -20.27
C VAL A 368 16.31 -6.26 -20.58
N THR A 369 15.97 -6.64 -21.81
CA THR A 369 16.07 -8.03 -22.25
C THR A 369 17.49 -8.55 -22.07
N LEU A 370 18.46 -7.77 -22.53
CA LEU A 370 19.86 -8.18 -22.38
C LEU A 370 20.20 -8.38 -20.91
N GLN A 371 19.77 -7.43 -20.09
CA GLN A 371 20.03 -7.46 -18.65
C GLN A 371 19.47 -8.67 -17.90
N TYR A 372 18.35 -9.21 -18.36
CA TYR A 372 17.71 -10.34 -17.68
C TYR A 372 17.75 -11.68 -18.39
N THR A 373 18.45 -11.76 -19.51
CA THR A 373 18.53 -13.01 -20.26
C THR A 373 19.84 -13.76 -20.04
N ASP A 374 19.74 -15.07 -19.88
CA ASP A 374 20.92 -15.92 -19.74
C ASP A 374 21.14 -16.42 -21.16
N TRP A 375 22.07 -15.80 -21.89
CA TRP A 375 22.33 -16.17 -23.27
C TRP A 375 22.99 -17.52 -23.46
N MET A 376 23.30 -18.19 -22.37
CA MET A 376 23.91 -19.52 -22.42
C MET A 376 22.76 -20.53 -22.41
N ASP A 377 21.55 -20.03 -22.22
CA ASP A 377 20.37 -20.89 -22.13
C ASP A 377 19.10 -20.04 -22.29
N ASP A 378 19.03 -19.30 -23.40
CA ASP A 378 17.92 -18.40 -23.69
C ASP A 378 16.54 -19.01 -23.97
N ASN A 379 16.48 -20.34 -24.14
CA ASN A 379 15.19 -20.97 -24.41
C ASN A 379 14.65 -21.70 -23.20
N ASN A 380 15.28 -21.47 -22.05
CA ASN A 380 14.85 -22.10 -20.81
C ASN A 380 13.56 -21.44 -20.34
N GLY A 381 12.47 -22.20 -20.37
CA GLY A 381 11.18 -21.69 -19.96
C GLY A 381 11.11 -21.23 -18.51
N ILE A 382 11.78 -21.95 -17.63
CA ILE A 382 11.81 -21.60 -16.22
C ILE A 382 12.56 -20.29 -16.03
N LYS A 383 13.67 -20.15 -16.75
CA LYS A 383 14.50 -18.96 -16.65
C LYS A 383 13.84 -17.73 -17.23
N ASN A 384 13.07 -17.91 -18.30
CA ASN A 384 12.37 -16.78 -18.91
C ASN A 384 11.25 -16.34 -17.98
N ARG A 385 10.56 -17.30 -17.36
CA ARG A 385 9.47 -17.00 -16.46
C ARG A 385 9.97 -16.25 -15.24
N ASP A 386 11.04 -16.74 -14.62
CA ASP A 386 11.57 -16.09 -13.43
C ASP A 386 12.23 -14.75 -13.75
N GLY A 387 12.83 -14.65 -14.93
CA GLY A 387 13.47 -13.40 -15.32
C GLY A 387 12.44 -12.30 -15.46
N LEU A 388 11.32 -12.64 -16.08
CA LEU A 388 10.23 -11.69 -16.29
C LEU A 388 9.64 -11.31 -14.93
N ASP A 389 9.55 -12.30 -14.05
CA ASP A 389 9.04 -12.09 -12.70
C ASP A 389 9.92 -11.06 -11.99
N ASP A 390 11.24 -11.21 -12.11
CA ASP A 390 12.17 -10.28 -11.49
C ASP A 390 12.14 -8.90 -12.14
N ILE A 391 11.91 -8.86 -13.44
CA ILE A 391 11.83 -7.58 -14.14
C ILE A 391 10.70 -6.74 -13.58
N VAL A 392 9.51 -7.33 -13.47
CA VAL A 392 8.35 -6.63 -12.97
C VAL A 392 8.53 -6.21 -11.52
N GLY A 393 9.07 -7.11 -10.70
CA GLY A 393 9.29 -6.80 -9.29
C GLY A 393 10.37 -5.76 -9.06
N ASP A 394 11.49 -5.87 -9.78
CA ASP A 394 12.59 -4.93 -9.63
C ASP A 394 12.21 -3.52 -10.10
N HIS A 395 11.58 -3.44 -11.26
CA HIS A 395 11.18 -2.15 -11.83
C HIS A 395 10.07 -1.43 -11.06
N ASN A 396 9.08 -2.17 -10.62
CA ASN A 396 7.93 -1.60 -9.93
C ASN A 396 7.97 -1.48 -8.41
N VAL A 397 8.72 -2.33 -7.73
CA VAL A 397 8.74 -2.27 -6.28
C VAL A 397 10.12 -2.16 -5.64
N ILE A 398 10.94 -3.19 -5.81
CA ILE A 398 12.26 -3.24 -5.19
C ILE A 398 13.20 -2.08 -5.50
N CYS A 399 13.52 -1.87 -6.77
CA CYS A 399 14.45 -0.79 -7.09
C CYS A 399 13.93 0.59 -6.72
N PRO A 400 12.63 0.83 -6.93
CA PRO A 400 12.14 2.17 -6.55
C PRO A 400 12.28 2.33 -5.03
N LEU A 401 12.06 1.25 -4.29
CA LEU A 401 12.18 1.30 -2.84
C LEU A 401 13.63 1.46 -2.40
N MET A 402 14.55 0.81 -3.12
CA MET A 402 15.96 0.94 -2.78
C MET A 402 16.42 2.37 -3.05
N HIS A 403 15.93 2.97 -4.12
CA HIS A 403 16.30 4.36 -4.43
C HIS A 403 15.81 5.25 -3.28
N PHE A 404 14.58 5.00 -2.83
CA PHE A 404 13.99 5.77 -1.73
C PHE A 404 14.77 5.62 -0.43
N VAL A 405 15.07 4.38 -0.05
CA VAL A 405 15.79 4.13 1.20
C VAL A 405 17.18 4.75 1.21
N ASN A 406 17.87 4.73 0.06
CA ASN A 406 19.20 5.31 0.01
C ASN A 406 19.13 6.84 0.08
N LYS A 407 18.11 7.43 -0.54
CA LYS A 407 17.97 8.88 -0.50
C LYS A 407 17.52 9.32 0.89
N TYR A 408 16.60 8.57 1.49
CA TYR A 408 16.08 8.91 2.79
C TYR A 408 17.12 8.79 3.90
N THR A 409 17.85 7.69 3.88
CA THR A 409 18.87 7.42 4.89
C THR A 409 19.90 8.53 5.06
N LYS A 410 20.09 9.34 4.02
CA LYS A 410 21.05 10.43 4.08
C LYS A 410 20.62 11.51 5.08
N PHE A 411 19.30 11.70 5.22
CA PHE A 411 18.77 12.71 6.13
C PHE A 411 18.02 12.13 7.32
N GLY A 412 17.62 10.87 7.22
CA GLY A 412 16.86 10.23 8.28
C GLY A 412 17.54 10.01 9.61
N ASN A 413 16.77 9.53 10.59
CA ASN A 413 17.27 9.27 11.93
C ASN A 413 17.32 7.77 12.25
N GLY A 414 17.13 6.94 11.24
CA GLY A 414 17.18 5.51 11.47
C GLY A 414 16.39 4.72 10.44
N THR A 415 17.05 3.75 9.80
CA THR A 415 16.41 2.93 8.78
C THR A 415 16.64 1.45 9.02
N TYR A 416 15.59 0.65 8.87
CA TYR A 416 15.68 -0.80 9.03
C TYR A 416 15.04 -1.44 7.82
N LEU A 417 15.85 -2.17 7.05
CA LEU A 417 15.41 -2.81 5.82
C LEU A 417 15.28 -4.33 5.91
N TYR A 418 14.24 -4.87 5.29
CA TYR A 418 14.04 -6.32 5.30
C TYR A 418 13.74 -6.87 3.91
N PHE A 419 13.94 -8.18 3.77
CA PHE A 419 13.67 -8.89 2.53
C PHE A 419 12.86 -10.12 2.95
N PHE A 420 11.55 -10.08 2.68
CA PHE A 420 10.66 -11.17 3.05
C PHE A 420 10.69 -12.26 1.99
N ASN A 421 11.22 -13.43 2.33
CA ASN A 421 11.30 -14.51 1.37
C ASN A 421 10.85 -15.88 1.86
N HIS A 422 9.75 -15.92 2.59
CA HIS A 422 9.20 -17.17 3.08
C HIS A 422 7.88 -17.45 2.37
N ARG A 423 7.75 -18.62 1.76
CA ARG A 423 6.49 -18.94 1.10
C ARG A 423 5.64 -19.75 2.06
N ALA A 424 4.50 -19.18 2.46
CA ALA A 424 3.58 -19.84 3.39
C ALA A 424 3.25 -21.26 2.96
N SER A 425 3.15 -22.15 3.93
CA SER A 425 2.85 -23.56 3.69
C SER A 425 1.42 -23.80 3.17
N ASN A 426 0.51 -22.90 3.52
CA ASN A 426 -0.89 -23.04 3.09
C ASN A 426 -1.26 -22.14 1.91
N LEU A 427 -0.25 -21.69 1.17
CA LEU A 427 -0.47 -20.82 0.01
C LEU A 427 -1.29 -21.54 -1.06
N VAL A 428 -2.40 -20.92 -1.50
CA VAL A 428 -3.25 -21.53 -2.51
C VAL A 428 -2.81 -21.22 -3.95
N TRP A 429 -1.97 -20.21 -4.10
CA TRP A 429 -1.48 -19.84 -5.43
C TRP A 429 -0.42 -20.85 -5.88
N PRO A 430 -0.18 -20.95 -7.20
CA PRO A 430 0.82 -21.90 -7.69
C PRO A 430 2.24 -21.58 -7.22
N GLU A 431 3.06 -22.62 -7.22
CA GLU A 431 4.45 -22.56 -6.80
C GLU A 431 5.29 -21.54 -7.56
N TRP A 432 5.09 -21.45 -8.88
CA TRP A 432 5.88 -20.53 -9.69
C TRP A 432 5.78 -19.05 -9.27
N MET A 433 4.72 -18.70 -8.56
CA MET A 433 4.55 -17.32 -8.12
C MET A 433 5.40 -16.94 -6.91
N GLY A 434 5.95 -17.96 -6.23
CA GLY A 434 6.81 -17.74 -5.07
C GLY A 434 6.27 -16.95 -3.88
N VAL A 435 7.07 -16.02 -3.39
CA VAL A 435 6.69 -15.17 -2.26
C VAL A 435 6.01 -13.95 -2.90
N ILE A 436 4.69 -14.09 -3.01
CA ILE A 436 3.81 -13.11 -3.65
C ILE A 436 3.59 -11.75 -3.00
N HIS A 437 3.34 -10.78 -3.88
CA HIS A 437 3.05 -9.40 -3.51
C HIS A 437 1.85 -9.44 -2.55
N GLY A 438 2.02 -8.89 -1.36
CA GLY A 438 0.94 -8.85 -0.39
C GLY A 438 0.85 -10.00 0.59
N TYR A 439 1.71 -11.01 0.45
CA TYR A 439 1.61 -12.13 1.37
C TYR A 439 2.46 -12.11 2.62
N GLU A 440 3.01 -10.95 2.93
CA GLU A 440 3.77 -10.81 4.17
C GLU A 440 2.77 -10.22 5.17
N ILE A 441 1.72 -9.61 4.64
CA ILE A 441 0.69 -8.97 5.46
C ILE A 441 0.09 -9.93 6.49
N GLU A 442 -0.28 -11.13 6.05
CA GLU A 442 -0.86 -12.09 6.97
C GLU A 442 0.05 -12.37 8.18
N PHE A 443 1.35 -12.24 7.99
CA PHE A 443 2.29 -12.45 9.10
C PHE A 443 2.36 -11.21 9.98
N VAL A 444 2.27 -10.03 9.36
CA VAL A 444 2.31 -8.78 10.10
C VAL A 444 1.08 -8.66 11.02
N PHE A 445 -0.06 -9.15 10.54
CA PHE A 445 -1.29 -9.10 11.32
C PHE A 445 -1.54 -10.35 12.19
N GLY A 446 -0.53 -11.21 12.26
CA GLY A 446 -0.61 -12.41 13.08
C GLY A 446 -1.60 -13.52 12.76
N LEU A 447 -2.02 -13.66 11.51
CA LEU A 447 -2.96 -14.71 11.16
C LEU A 447 -2.42 -16.10 11.51
N PRO A 448 -1.09 -16.32 11.40
CA PRO A 448 -0.57 -17.65 11.73
C PRO A 448 -0.77 -18.09 13.18
N LEU A 449 -1.21 -17.19 14.06
CA LEU A 449 -1.42 -17.56 15.45
C LEU A 449 -2.72 -18.34 15.66
N VAL A 450 -3.66 -18.22 14.72
CA VAL A 450 -4.91 -18.95 14.83
C VAL A 450 -4.77 -20.31 14.12
N LYS A 451 -4.79 -21.36 14.93
CA LYS A 451 -4.63 -22.74 14.46
C LYS A 451 -5.54 -23.15 13.31
N GLU A 452 -6.80 -22.73 13.38
CA GLU A 452 -7.77 -23.07 12.36
C GLU A 452 -7.31 -22.66 10.96
N LEU A 453 -6.35 -21.74 10.88
CA LEU A 453 -5.87 -21.29 9.58
C LEU A 453 -4.85 -22.21 8.92
N ASN A 454 -4.35 -23.18 9.67
CA ASN A 454 -3.42 -24.16 9.11
C ASN A 454 -1.98 -23.74 8.80
N TYR A 455 -1.37 -22.92 9.65
CA TYR A 455 0.03 -22.56 9.41
C TYR A 455 0.84 -23.52 10.28
N THR A 456 2.15 -23.58 10.08
CA THR A 456 2.98 -24.47 10.87
C THR A 456 3.43 -23.74 12.14
N ALA A 457 4.06 -24.48 13.05
CA ALA A 457 4.54 -23.88 14.29
C ALA A 457 5.64 -22.86 14.03
N GLU A 458 6.48 -23.12 13.04
CA GLU A 458 7.55 -22.19 12.72
C GLU A 458 6.99 -20.91 12.12
N GLU A 459 5.90 -21.02 11.38
CA GLU A 459 5.29 -19.85 10.78
C GLU A 459 4.65 -18.97 11.84
N GLU A 460 4.12 -19.58 12.90
CA GLU A 460 3.52 -18.80 13.98
C GLU A 460 4.66 -18.07 14.69
N ALA A 461 5.78 -18.76 14.86
CA ALA A 461 6.94 -18.17 15.51
C ALA A 461 7.45 -16.99 14.69
N LEU A 462 7.41 -17.15 13.36
CA LEU A 462 7.85 -16.08 12.46
C LEU A 462 6.90 -14.88 12.55
N SER A 463 5.61 -15.16 12.62
CA SER A 463 4.62 -14.10 12.72
C SER A 463 4.83 -13.31 14.01
N ARG A 464 5.04 -14.02 15.11
CA ARG A 464 5.25 -13.36 16.41
C ARG A 464 6.48 -12.46 16.39
N ARG A 465 7.56 -12.95 15.78
CA ARG A 465 8.80 -12.18 15.66
C ARG A 465 8.55 -10.90 14.88
N ILE A 466 7.89 -11.02 13.73
CA ILE A 466 7.60 -9.88 12.89
C ILE A 466 6.70 -8.87 13.59
N MET A 467 5.64 -9.37 14.22
CA MET A 467 4.74 -8.48 14.93
C MET A 467 5.48 -7.73 16.02
N HIS A 468 6.39 -8.43 16.72
CA HIS A 468 7.13 -7.79 17.79
C HIS A 468 8.13 -6.78 17.24
N TYR A 469 8.71 -7.07 16.07
CA TYR A 469 9.63 -6.14 15.43
C TYR A 469 8.84 -4.85 15.11
N TRP A 470 7.74 -5.01 14.39
CA TRP A 470 6.90 -3.89 13.98
C TRP A 470 6.44 -3.03 15.17
N ALA A 471 5.87 -3.69 16.18
CA ALA A 471 5.37 -2.99 17.37
C ALA A 471 6.50 -2.34 18.16
N THR A 472 7.61 -3.04 18.31
CA THR A 472 8.75 -2.49 19.05
C THR A 472 9.30 -1.26 18.31
N PHE A 473 9.33 -1.34 16.98
CA PHE A 473 9.81 -0.21 16.19
C PHE A 473 8.85 0.95 16.35
N ALA A 474 7.56 0.65 16.34
CA ALA A 474 6.54 1.68 16.47
C ALA A 474 6.69 2.39 17.81
N LYS A 475 6.99 1.62 18.85
CA LYS A 475 7.12 2.15 20.19
C LYS A 475 8.41 2.90 20.50
N THR A 476 9.52 2.45 19.93
CA THR A 476 10.83 3.06 20.21
C THR A 476 11.59 3.59 19.01
N GLY A 477 11.24 3.13 17.82
CA GLY A 477 11.95 3.58 16.63
C GLY A 477 13.10 2.63 16.34
N ASN A 478 13.06 1.46 16.99
CA ASN A 478 14.07 0.41 16.84
C ASN A 478 13.34 -0.93 16.99
N PRO A 479 13.42 -1.80 15.97
CA PRO A 479 12.76 -3.11 16.04
C PRO A 479 13.31 -4.06 17.10
N ASN A 480 14.54 -3.80 17.54
CA ASN A 480 15.19 -4.65 18.53
C ASN A 480 14.86 -4.32 19.97
N GLU A 481 14.81 -5.35 20.80
CA GLU A 481 14.54 -5.21 22.22
C GLU A 481 15.76 -4.67 22.95
N PRO A 482 15.53 -3.79 23.94
CA PRO A 482 16.65 -3.22 24.70
C PRO A 482 17.36 -4.31 25.51
N HIS A 483 18.65 -4.48 25.27
CA HIS A 483 19.43 -5.48 25.99
C HIS A 483 18.81 -6.87 25.90
N SER A 484 18.51 -7.30 24.68
CA SER A 484 17.93 -8.62 24.45
C SER A 484 19.02 -9.62 24.07
N GLN A 485 18.66 -10.90 24.01
CA GLN A 485 19.61 -11.93 23.63
C GLN A 485 19.37 -12.40 22.20
N GLU A 486 18.26 -11.97 21.63
CA GLU A 486 17.90 -12.34 20.27
C GLU A 486 18.88 -11.71 19.28
N SER A 487 18.91 -12.23 18.06
CA SER A 487 19.79 -11.70 17.02
C SER A 487 19.34 -10.28 16.69
N LYS A 488 20.29 -9.40 16.44
CA LYS A 488 19.97 -8.01 16.15
C LYS A 488 19.79 -7.67 14.67
N TRP A 489 18.73 -6.93 14.40
CA TRP A 489 18.41 -6.45 13.07
C TRP A 489 19.28 -5.21 12.96
N PRO A 490 20.37 -5.28 12.20
CA PRO A 490 21.24 -4.10 12.09
C PRO A 490 20.59 -2.92 11.39
N LEU A 491 21.02 -1.73 11.78
CA LEU A 491 20.54 -0.50 11.20
C LEU A 491 21.07 -0.43 9.77
N PHE A 492 20.28 0.13 8.86
CA PHE A 492 20.70 0.30 7.48
C PHE A 492 21.41 1.65 7.42
N THR A 493 22.68 1.63 7.07
CA THR A 493 23.45 2.86 6.98
C THR A 493 23.82 3.13 5.53
N THR A 494 24.00 4.40 5.21
CA THR A 494 24.35 4.80 3.85
C THR A 494 25.62 4.11 3.34
N LYS A 495 26.53 3.81 4.25
CA LYS A 495 27.80 3.16 3.90
C LYS A 495 27.74 1.65 3.75
N GLU A 496 27.23 0.95 4.76
CA GLU A 496 27.18 -0.51 4.72
C GLU A 496 25.90 -1.13 4.14
N GLN A 497 24.83 -0.35 4.06
CA GLN A 497 23.57 -0.80 3.48
C GLN A 497 23.08 -2.20 3.89
N LYS A 498 23.14 -2.51 5.18
CA LYS A 498 22.71 -3.81 5.68
C LYS A 498 21.20 -4.01 5.73
N PHE A 499 20.80 -5.27 5.63
CA PHE A 499 19.38 -5.63 5.70
C PHE A 499 19.32 -7.09 6.13
N ILE A 500 18.14 -7.54 6.54
CA ILE A 500 17.97 -8.92 6.96
C ILE A 500 16.89 -9.62 6.15
N ASP A 501 16.91 -10.94 6.19
CA ASP A 501 15.88 -11.73 5.52
C ASP A 501 14.82 -11.92 6.59
N LEU A 502 13.61 -12.26 6.17
CA LEU A 502 12.52 -12.49 7.10
C LEU A 502 11.92 -13.83 6.73
N ASN A 503 12.28 -14.87 7.48
CA ASN A 503 11.77 -16.20 7.20
C ASN A 503 11.91 -17.08 8.45
N THR A 504 11.63 -18.37 8.32
CA THR A 504 11.72 -19.28 9.45
C THR A 504 13.13 -19.75 9.78
N GLU A 505 14.11 -19.39 8.95
CA GLU A 505 15.50 -19.79 9.19
C GLU A 505 16.17 -18.76 10.10
N PRO A 506 17.35 -19.11 10.66
CA PRO A 506 18.06 -18.17 11.54
C PRO A 506 18.37 -16.87 10.80
N MET A 507 18.23 -15.74 11.48
CA MET A 507 18.49 -14.45 10.86
C MET A 507 19.82 -14.39 10.13
N LYS A 508 19.81 -13.73 8.98
CA LYS A 508 21.01 -13.57 8.19
C LYS A 508 21.06 -12.11 7.75
N VAL A 509 22.24 -11.50 7.85
CA VAL A 509 22.42 -10.11 7.46
C VAL A 509 23.06 -10.07 6.09
N HIS A 510 22.56 -9.19 5.22
CA HIS A 510 23.08 -9.05 3.87
C HIS A 510 23.37 -7.59 3.59
N GLN A 511 23.89 -7.30 2.41
CA GLN A 511 24.20 -5.93 2.02
C GLN A 511 23.85 -5.66 0.57
N ARG A 512 23.50 -4.40 0.29
CA ARG A 512 23.15 -3.95 -1.05
C ARG A 512 22.11 -4.80 -1.75
N LEU A 513 20.90 -4.82 -1.20
CA LEU A 513 19.78 -5.58 -1.75
C LEU A 513 19.59 -5.31 -3.25
N ARG A 514 19.76 -6.36 -4.05
CA ARG A 514 19.61 -6.31 -5.51
C ARG A 514 20.27 -5.09 -6.15
N VAL A 515 21.45 -4.76 -5.67
CA VAL A 515 22.18 -3.60 -6.17
C VAL A 515 22.50 -3.68 -7.67
N GLN A 516 22.87 -4.86 -8.14
CA GLN A 516 23.22 -5.02 -9.56
C GLN A 516 22.09 -4.59 -10.48
N MET A 517 20.89 -5.14 -10.27
CA MET A 517 19.75 -4.79 -11.10
C MET A 517 19.23 -3.36 -10.85
N CYS A 518 19.29 -2.90 -9.61
CA CYS A 518 18.79 -1.57 -9.31
C CYS A 518 19.66 -0.44 -9.87
N VAL A 519 20.94 -0.72 -10.12
CA VAL A 519 21.79 0.31 -10.71
C VAL A 519 21.29 0.47 -12.15
N PHE A 520 20.81 -0.64 -12.72
CA PHE A 520 20.28 -0.62 -14.08
C PHE A 520 18.99 0.18 -14.15
N TRP A 521 18.04 -0.14 -13.27
CA TRP A 521 16.75 0.54 -13.24
C TRP A 521 16.77 1.97 -12.72
N ASN A 522 17.67 2.27 -11.79
CA ASN A 522 17.73 3.60 -11.20
C ASN A 522 18.73 4.55 -11.83
N GLN A 523 19.77 4.02 -12.45
CA GLN A 523 20.77 4.89 -13.05
C GLN A 523 20.89 4.79 -14.56
N PHE A 524 21.17 3.59 -15.09
CA PHE A 524 21.34 3.45 -16.52
C PHE A 524 20.13 3.64 -17.43
N LEU A 525 19.09 2.83 -17.23
CA LEU A 525 17.91 2.91 -18.08
C LEU A 525 17.31 4.30 -18.24
N PRO A 526 17.10 5.04 -17.13
CA PRO A 526 16.53 6.38 -17.21
C PRO A 526 17.43 7.28 -18.08
N LYS A 527 18.74 7.13 -17.90
CA LYS A 527 19.71 7.91 -18.65
C LYS A 527 19.64 7.52 -20.13
N LEU A 528 19.42 6.25 -20.41
CA LEU A 528 19.30 5.77 -21.79
C LEU A 528 18.01 6.28 -22.44
N LEU A 529 16.90 6.16 -21.71
CA LEU A 529 15.61 6.61 -22.23
C LEU A 529 15.58 8.11 -22.48
N ASN A 530 16.30 8.87 -21.65
CA ASN A 530 16.34 10.32 -21.80
C ASN A 530 17.26 10.76 -22.95
N ALA A 531 18.33 10.01 -23.18
CA ALA A 531 19.27 10.33 -24.25
C ALA A 531 18.71 9.95 -25.61
N THR A 532 17.52 9.33 -25.61
CA THR A 532 16.88 8.92 -26.85
C THR A 532 15.40 9.26 -26.80
C1 NAG B . -26.07 -1.09 17.41
C2 NAG B . -25.51 -2.17 16.44
C3 NAG B . -25.46 -3.53 17.14
C4 NAG B . -26.85 -3.97 17.60
C5 NAG B . -27.69 -2.76 18.05
C6 NAG B . -28.60 -3.10 19.21
C7 NAG B . -26.27 -3.28 14.40
C8 NAG B . -27.15 -3.23 13.17
N2 NAG B . -26.33 -2.24 15.24
O3 NAG B . -24.60 -3.45 18.28
O4 NAG B . -27.51 -4.66 16.56
O5 NAG B . -26.83 -1.68 18.49
O6 NAG B . -27.99 -4.06 20.07
O7 NAG B . -25.56 -4.27 14.61
C1 NAG C . 18.81 10.25 15.86
C2 NAG C . 20.27 9.79 15.75
C3 NAG C . 21.01 9.93 17.09
C4 NAG C . 20.84 11.34 17.64
C5 NAG C . 19.35 11.64 17.75
C6 NAG C . 19.09 13.03 18.33
C7 NAG C . 20.57 8.14 14.02
C8 NAG C . 20.61 6.67 13.62
N2 NAG C . 20.33 8.41 15.30
O3 NAG C . 22.38 9.63 16.89
O4 NAG C . 21.47 11.43 18.91
O5 NAG C . 18.74 11.57 16.45
O6 NAG C . 18.73 13.97 17.32
O7 NAG C . 20.76 9.01 13.17
S1 PE7 D . -3.24 -5.20 -1.86
C2 PE7 D . -1.98 -6.27 -2.65
C3 PE7 D . -2.42 -7.61 -3.15
O4 PE7 D . -2.95 -7.50 -4.47
C5 PE7 D . -3.74 -8.64 -4.84
C6 PE7 D . -4.67 -8.31 -5.98
O7 PE7 D . -3.93 -7.96 -7.14
C8 PE7 D . -4.49 -8.45 -8.37
C9 PE7 D . -3.59 -8.09 -9.51
O10 PE7 D . -4.37 -7.64 -10.62
C11 PE7 D . -3.75 -6.60 -11.38
C12 PE7 D . -4.78 -5.66 -11.93
O13 PE7 D . -5.48 -6.29 -13.00
C14 PE7 D . -6.61 -5.54 -13.45
C15 PE7 D . -7.00 -6.01 -14.82
O16 PE7 D . -8.01 -5.17 -15.39
C17 PE7 D . -7.62 -4.63 -16.65
C18 PE7 D . -8.61 -4.98 -17.74
O19 PE7 D . -9.95 -4.87 -17.27
C20 PE7 D . -10.71 -3.88 -17.96
C21 PE7 D . -12.15 -4.29 -18.08
O22 PE7 D . -12.75 -4.41 -16.79
#